data_7C4L
#
_entry.id   7C4L
#
_cell.length_a   132.558
_cell.length_b   132.558
_cell.length_c   191.806
_cell.angle_alpha   90.000
_cell.angle_beta   90.000
_cell.angle_gamma   90.000
#
_symmetry.space_group_name_H-M   'I 4 2 2'
#
loop_
_entity.id
_entity.type
_entity.pdbx_description
1 polymer 'L-amino acid oxidase'
2 non-polymer 'FLAVIN-ADENINE DINUCLEOTIDE'
3 non-polymer GLUTAMINE
4 water water
#
_entity_poly.entity_id   1
_entity_poly.type   'polypeptide(L)'
_entity_poly.pdbx_seq_one_letter_code
;MGTHYKLGSDISQKSIPKEVKVAIVGAGMSGLYSAWRLQSEANVGDLAIFERSDRTGGRLDSDLIEFKDNRAGAEPGSTI
TVKEEQGGMRFLFEGMDDLMALFLKLGLEDQIVPFPMNSGGNNRLYFRGTSFSVNDAEQDDYHIWSALYNLDPSEQGVNP
KDIINVVFNRILQVNPQFDSRPEVRGPEFWQNFRLQCQWQGEPLYNWSLWDLLTDMGYSQECITMLYRVLGFNGTFLSKM
NAGVAYQLLEDFPADVEFRTFKDGFSTLPNALVDKIGKDKIHLQTSIDSIAFDKADSKYVLKYTKIDQSGQVSEGKFKAE
KVILGLPRLALEKLFIASDAFKQLPKKRRDELWDTLQSTSNQPLLKINLYYDTAWWGTGMTGRPAVSFGPNFADLPTGSV
YPFYALNDELAAALMYDERHATPNPDTQHKLDGIDAAKYARPAALTIYCDYLNINFWSALQNKGELYHHPHESELVESIP
SDIFPASEAVVQQATQFFKDIFNTHYVPQPTLTSARIWEGNVNFNVPENLQFGFGVHQWAIGANDKEVIEDLVEPLPNLF
TCGEAYSDYQGWVEGALRSTDLVLQKGFGLAPLSEVYEQDQGRSSSEAIQIAYRKISNKMIMEYIDPNFSPNTKHKVTLA
EVNSVLGVNLSYFDKPEHHHHHH
;
_entity_poly.pdbx_strand_id   A
#
# COMPACT_ATOMS: atom_id res chain seq x y z
N SER A 15 18.15 26.17 6.14
CA SER A 15 19.10 26.62 5.12
C SER A 15 18.89 25.91 3.75
N ILE A 16 18.67 26.65 2.67
CA ILE A 16 18.28 26.09 1.36
C ILE A 16 19.17 26.57 0.21
N PRO A 17 19.74 25.63 -0.59
CA PRO A 17 20.68 26.01 -1.65
C PRO A 17 20.22 27.13 -2.59
N LYS A 18 21.22 27.87 -3.09
CA LYS A 18 21.08 28.84 -4.18
C LYS A 18 20.42 28.22 -5.39
N GLU A 19 20.82 27.01 -5.72
CA GLU A 19 20.80 26.47 -7.06
C GLU A 19 21.36 25.08 -6.93
N VAL A 20 20.66 24.09 -7.47
CA VAL A 20 21.12 22.71 -7.45
C VAL A 20 21.06 22.20 -8.88
N LYS A 21 21.81 21.13 -9.15
CA LYS A 21 21.75 20.55 -10.47
C LYS A 21 20.37 19.95 -10.73
N VAL A 22 19.83 19.25 -9.73
CA VAL A 22 18.51 18.65 -9.81
C VAL A 22 17.78 18.98 -8.51
N ALA A 23 16.55 19.49 -8.63
CA ALA A 23 15.65 19.64 -7.49
C ALA A 23 14.65 18.49 -7.49
N ILE A 24 14.44 17.92 -6.31
CA ILE A 24 13.56 16.77 -6.13
C ILE A 24 12.41 17.21 -5.23
N VAL A 25 11.20 17.22 -5.80
CA VAL A 25 10.01 17.70 -5.13
C VAL A 25 9.21 16.49 -4.69
N GLY A 26 9.20 16.22 -3.38
CA GLY A 26 8.57 15.04 -2.83
C GLY A 26 9.53 14.03 -2.24
N ALA A 27 9.47 13.78 -0.93
CA ALA A 27 10.34 12.81 -0.26
C ALA A 27 9.63 11.48 -0.01
N GLY A 28 8.71 11.11 -0.88
CA GLY A 28 8.17 9.77 -0.90
C GLY A 28 9.17 8.83 -1.53
N MET A 29 8.69 7.62 -1.82
CA MET A 29 9.58 6.61 -2.36
C MET A 29 10.15 7.01 -3.70
N SER A 30 9.39 7.79 -4.47
CA SER A 30 9.86 8.16 -5.80
C SER A 30 10.99 9.18 -5.73
N GLY A 31 10.83 10.22 -4.89
CA GLY A 31 11.88 11.21 -4.79
C GLY A 31 13.16 10.67 -4.17
N LEU A 32 13.01 9.90 -3.08
CA LEU A 32 14.18 9.29 -2.44
C LEU A 32 14.92 8.37 -3.40
N TYR A 33 14.18 7.55 -4.15
CA TYR A 33 14.80 6.59 -5.05
C TYR A 33 15.57 7.30 -6.15
N SER A 34 14.99 8.33 -6.75
CA SER A 34 15.70 9.13 -7.75
C SER A 34 17.02 9.65 -7.18
N ALA A 35 16.99 10.20 -5.97
CA ALA A 35 18.18 10.82 -5.40
C ALA A 35 19.29 9.79 -5.25
N TRP A 36 18.97 8.67 -4.62
CA TRP A 36 19.96 7.64 -4.36
C TRP A 36 20.54 7.08 -5.66
N ARG A 37 19.71 6.93 -6.70
CA ARG A 37 20.23 6.39 -7.96
C ARG A 37 21.07 7.41 -8.71
N LEU A 38 20.73 8.71 -8.62
CA LEU A 38 21.55 9.72 -9.27
C LEU A 38 22.85 9.94 -8.52
N GLN A 39 22.80 10.00 -7.19
CA GLN A 39 24.04 10.06 -6.41
C GLN A 39 24.96 8.92 -6.78
N SER A 40 24.43 7.70 -6.65
CA SER A 40 25.23 6.49 -6.75
C SER A 40 25.55 6.14 -8.20
N GLU A 41 24.55 6.16 -9.07
CA GLU A 41 24.78 5.68 -10.42
C GLU A 41 25.16 6.80 -11.38
N ALA A 42 25.12 8.05 -10.95
CA ALA A 42 25.36 9.14 -11.91
C ALA A 42 26.22 10.27 -11.35
N ASN A 43 26.85 10.12 -10.18
CA ASN A 43 27.76 11.11 -9.60
C ASN A 43 27.07 12.41 -9.19
N VAL A 44 25.88 12.66 -9.73
CA VAL A 44 25.11 13.87 -9.43
C VAL A 44 24.93 13.97 -7.92
N GLY A 45 25.60 14.92 -7.30
CA GLY A 45 25.52 15.09 -5.86
C GLY A 45 24.97 16.45 -5.51
N ASP A 46 24.86 17.31 -6.53
CA ASP A 46 24.23 18.62 -6.35
C ASP A 46 22.72 18.53 -6.63
N LEU A 47 22.07 17.76 -5.77
CA LEU A 47 20.62 17.62 -5.75
C LEU A 47 20.14 17.82 -4.32
N ALA A 48 18.88 18.18 -4.20
CA ALA A 48 18.27 18.31 -2.89
C ALA A 48 16.80 17.96 -3.01
N ILE A 49 16.25 17.44 -1.93
CA ILE A 49 14.86 16.99 -1.86
C ILE A 49 14.07 17.98 -1.03
N PHE A 50 12.91 18.38 -1.53
CA PHE A 50 12.04 19.33 -0.83
C PHE A 50 10.70 18.66 -0.55
N GLU A 51 10.37 18.55 0.74
CA GLU A 51 9.23 17.77 1.23
C GLU A 51 8.34 18.64 2.10
N ARG A 52 7.03 18.64 1.81
CA ARG A 52 6.11 19.55 2.46
C ARG A 52 5.76 19.11 3.88
N SER A 53 5.85 17.82 4.18
CA SER A 53 5.51 17.31 5.50
C SER A 53 6.74 17.32 6.41
N ASP A 54 6.52 16.97 7.68
CA ASP A 54 7.58 16.85 8.68
C ASP A 54 8.19 15.44 8.69
N ARG A 55 7.94 14.64 7.66
CA ARG A 55 8.45 13.28 7.63
C ARG A 55 8.70 12.87 6.19
N THR A 56 9.65 11.96 6.03
CA THR A 56 9.99 11.35 4.75
C THR A 56 9.19 10.06 4.53
N GLY A 57 9.00 9.69 3.26
CA GLY A 57 8.50 8.36 2.91
C GLY A 57 7.13 8.31 2.27
N GLY A 58 6.31 9.35 2.44
CA GLY A 58 5.06 9.42 1.69
C GLY A 58 4.11 8.33 2.12
N ARG A 59 3.52 7.63 1.15
CA ARG A 59 2.49 6.65 1.47
C ARG A 59 3.03 5.38 2.15
N LEU A 60 4.33 5.29 2.44
CA LEU A 60 4.88 4.27 3.32
C LEU A 60 5.07 4.87 4.70
N ASP A 61 4.36 4.34 5.70
CA ASP A 61 4.42 4.90 7.05
C ASP A 61 4.21 3.79 8.07
N SER A 62 5.31 3.27 8.62
CA SER A 62 5.27 2.28 9.69
C SER A 62 5.38 2.96 11.05
N ASP A 63 4.83 2.30 12.07
CA ASP A 63 4.91 2.68 13.47
C ASP A 63 5.50 1.53 14.28
N LEU A 64 6.32 1.87 15.27
CA LEU A 64 6.85 0.90 16.23
C LEU A 64 6.54 1.40 17.63
N ILE A 65 5.70 0.68 18.36
CA ILE A 65 5.32 1.10 19.70
C ILE A 65 6.01 0.18 20.69
N GLU A 66 6.79 0.75 21.61
CA GLU A 66 7.33 -0.02 22.72
C GLU A 66 6.33 0.11 23.87
N PHE A 67 5.45 -0.87 23.98
CA PHE A 67 4.56 -0.98 25.12
C PHE A 67 5.37 -1.27 26.38
N LYS A 68 4.85 -0.85 27.52
CA LYS A 68 5.46 -1.23 28.78
C LYS A 68 5.12 -2.68 29.08
N ASP A 69 6.14 -3.53 29.18
CA ASP A 69 5.82 -4.89 29.57
C ASP A 69 5.18 -4.85 30.95
N ASN A 70 3.85 -4.98 31.01
CA ASN A 70 3.21 -5.14 32.31
C ASN A 70 2.58 -6.51 32.42
N ARG A 71 3.37 -7.53 32.09
CA ARG A 71 3.08 -8.90 32.47
C ARG A 71 3.59 -9.16 33.88
N ALA A 72 2.86 -10.02 34.59
CA ALA A 72 3.31 -10.55 35.87
C ALA A 72 4.56 -11.41 35.64
N GLY A 73 5.73 -10.84 35.88
CA GLY A 73 7.01 -11.42 35.47
C GLY A 73 7.96 -10.31 35.07
N GLY A 77 11.57 -2.51 33.99
CA GLY A 77 11.16 -1.58 32.95
C GLY A 77 11.31 -2.15 31.55
N SER A 78 10.66 -3.28 31.31
CA SER A 78 10.77 -4.01 30.06
C SER A 78 9.75 -3.55 29.01
N THR A 79 10.14 -3.66 27.74
CA THR A 79 9.34 -3.17 26.63
C THR A 79 9.09 -4.26 25.59
N ILE A 80 7.90 -4.22 24.98
CA ILE A 80 7.46 -5.15 23.94
C ILE A 80 7.01 -4.32 22.74
N THR A 81 7.62 -4.55 21.59
CA THR A 81 7.41 -3.70 20.42
C THR A 81 6.38 -4.29 19.46
N VAL A 82 5.45 -3.46 19.01
CA VAL A 82 4.43 -3.81 18.03
C VAL A 82 4.67 -2.97 16.79
N LYS A 83 5.01 -3.62 15.68
CA LYS A 83 5.03 -2.95 14.38
C LYS A 83 3.62 -2.81 13.84
N GLU A 84 3.35 -1.70 13.17
CA GLU A 84 2.09 -1.53 12.49
C GLU A 84 2.32 -0.67 11.26
N GLU A 85 1.29 -0.58 10.42
CA GLU A 85 1.36 0.19 9.18
C GLU A 85 0.22 1.19 9.11
N GLN A 86 0.56 2.44 8.82
CA GLN A 86 -0.42 3.45 8.44
C GLN A 86 -0.53 3.62 6.93
N GLY A 87 0.39 3.02 6.16
CA GLY A 87 0.23 2.92 4.73
C GLY A 87 0.61 1.54 4.24
N GLY A 88 1.40 1.51 3.17
CA GLY A 88 1.96 0.29 2.61
C GLY A 88 2.42 -0.75 3.60
N MET A 89 2.27 -2.04 3.25
CA MET A 89 2.47 -3.13 4.20
C MET A 89 3.05 -4.42 3.63
N ARG A 90 2.88 -4.71 2.32
CA ARG A 90 3.25 -6.02 1.79
C ARG A 90 3.91 -5.88 0.43
N PHE A 91 4.61 -6.94 0.00
CA PHE A 91 5.25 -6.98 -1.31
C PHE A 91 5.45 -8.42 -1.74
N LEU A 92 5.97 -8.60 -2.96
CA LEU A 92 6.18 -9.94 -3.50
C LEU A 92 7.54 -10.06 -4.19
N PHE A 93 8.07 -11.29 -4.16
CA PHE A 93 9.36 -11.61 -4.77
C PHE A 93 9.30 -11.65 -6.29
N GLU A 94 8.14 -11.91 -6.89
CA GLU A 94 8.00 -11.91 -8.33
C GLU A 94 7.17 -10.71 -8.77
N GLY A 95 7.44 -10.22 -9.98
CA GLY A 95 6.78 -9.04 -10.49
C GLY A 95 7.21 -7.72 -9.88
N MET A 96 8.08 -7.73 -8.87
CA MET A 96 8.63 -6.50 -8.33
C MET A 96 10.15 -6.51 -8.42
N ASP A 97 10.66 -6.75 -9.63
CA ASP A 97 12.11 -6.88 -9.78
C ASP A 97 12.83 -5.59 -9.41
N ASP A 98 12.29 -4.44 -9.81
CA ASP A 98 12.93 -3.18 -9.43
C ASP A 98 13.00 -3.06 -7.91
N LEU A 99 11.92 -3.42 -7.23
CA LEU A 99 11.89 -3.32 -5.77
C LEU A 99 12.77 -4.37 -5.13
N MET A 100 12.89 -5.55 -5.74
CA MET A 100 13.75 -6.58 -5.19
C MET A 100 15.21 -6.19 -5.30
N ALA A 101 15.61 -5.70 -6.47
CA ALA A 101 16.95 -5.19 -6.65
C ALA A 101 17.25 -4.07 -5.65
N LEU A 102 16.29 -3.17 -5.44
CA LEU A 102 16.45 -2.12 -4.43
C LEU A 102 16.74 -2.72 -3.06
N PHE A 103 15.96 -3.73 -2.67
CA PHE A 103 16.19 -4.41 -1.40
C PHE A 103 17.58 -5.00 -1.36
N LEU A 104 17.96 -5.71 -2.42
CA LEU A 104 19.23 -6.42 -2.41
C LEU A 104 20.40 -5.44 -2.36
N LYS A 105 20.29 -4.32 -3.08
CA LYS A 105 21.38 -3.35 -3.08
C LYS A 105 21.44 -2.54 -1.79
N LEU A 106 20.31 -2.31 -1.11
CA LEU A 106 20.35 -1.67 0.20
C LEU A 106 20.60 -2.65 1.33
N GLY A 107 20.85 -3.92 1.01
CA GLY A 107 21.13 -4.91 2.05
C GLY A 107 20.03 -5.05 3.08
N LEU A 108 18.77 -5.00 2.64
CA LEU A 108 17.64 -5.04 3.56
C LEU A 108 16.99 -6.40 3.60
N GLU A 109 17.47 -7.35 2.80
CA GLU A 109 16.81 -8.64 2.71
C GLU A 109 16.89 -9.43 4.00
N ASP A 110 17.86 -9.15 4.88
CA ASP A 110 17.94 -9.93 6.11
C ASP A 110 16.79 -9.63 7.08
N GLN A 111 16.05 -8.55 6.87
CA GLN A 111 14.92 -8.16 7.71
C GLN A 111 13.57 -8.63 7.16
N ILE A 112 13.56 -9.31 6.01
CA ILE A 112 12.33 -9.66 5.31
C ILE A 112 11.64 -10.81 6.01
N VAL A 113 10.34 -10.69 6.21
CA VAL A 113 9.58 -11.54 7.11
C VAL A 113 8.23 -11.87 6.50
N PRO A 114 7.68 -13.05 6.80
CA PRO A 114 6.41 -13.43 6.18
C PRO A 114 5.27 -12.44 6.48
N PHE A 115 4.40 -12.26 5.50
CA PHE A 115 3.11 -11.60 5.69
C PHE A 115 2.01 -12.58 5.31
N PRO A 116 1.42 -13.27 6.27
CA PRO A 116 0.48 -14.34 5.93
C PRO A 116 -0.91 -13.80 5.72
N MET A 117 -1.67 -14.52 4.91
CA MET A 117 -2.95 -14.03 4.40
C MET A 117 -4.15 -14.87 4.82
N ASN A 118 -3.96 -15.91 5.61
CA ASN A 118 -5.10 -16.70 6.04
C ASN A 118 -4.83 -17.27 7.42
N SER A 119 -5.86 -17.89 7.99
CA SER A 119 -5.78 -18.63 9.25
C SER A 119 -6.39 -20.01 9.09
N GLY A 120 -6.05 -20.70 8.02
CA GLY A 120 -6.52 -22.06 7.84
C GLY A 120 -8.02 -22.16 7.69
N GLY A 121 -8.66 -21.12 7.18
CA GLY A 121 -10.10 -21.11 7.07
C GLY A 121 -10.83 -20.48 8.22
N ASN A 122 -10.12 -20.12 9.30
CA ASN A 122 -10.73 -19.50 10.48
C ASN A 122 -10.95 -18.00 10.34
N ASN A 123 -10.50 -17.39 9.26
CA ASN A 123 -10.71 -15.96 9.18
C ASN A 123 -12.21 -15.67 9.13
N ARG A 124 -12.53 -14.41 9.41
CA ARG A 124 -13.90 -14.00 9.66
C ARG A 124 -14.54 -13.45 8.40
N LEU A 125 -15.86 -13.49 8.36
CA LEU A 125 -16.64 -12.97 7.26
C LEU A 125 -17.95 -12.49 7.86
N TYR A 126 -18.30 -11.23 7.59
CA TYR A 126 -19.57 -10.67 8.02
C TYR A 126 -20.30 -10.11 6.80
N PHE A 127 -21.42 -10.71 6.45
CA PHE A 127 -22.20 -10.18 5.34
C PHE A 127 -23.68 -10.26 5.66
N ARG A 128 -24.40 -9.22 5.24
CA ARG A 128 -25.84 -9.08 5.43
C ARG A 128 -26.27 -9.53 6.82
N GLY A 129 -25.60 -8.96 7.82
CA GLY A 129 -25.98 -9.20 9.19
C GLY A 129 -25.70 -10.61 9.64
N THR A 130 -24.69 -11.24 9.09
CA THR A 130 -24.37 -12.60 9.49
C THR A 130 -22.86 -12.74 9.64
N SER A 131 -22.41 -13.25 10.78
CA SER A 131 -20.98 -13.44 11.03
C SER A 131 -20.63 -14.91 10.89
N PHE A 132 -19.59 -15.19 10.11
CA PHE A 132 -19.20 -16.58 9.94
C PHE A 132 -17.75 -16.63 9.49
N SER A 133 -17.25 -17.83 9.34
CA SER A 133 -15.87 -18.06 8.97
C SER A 133 -15.75 -18.50 7.52
N VAL A 134 -14.51 -18.47 7.06
CA VAL A 134 -14.17 -18.92 5.72
C VAL A 134 -14.53 -20.39 5.52
N ASN A 135 -14.22 -21.24 6.51
CA ASN A 135 -14.56 -22.66 6.41
C ASN A 135 -16.07 -22.86 6.33
N ASP A 136 -16.83 -22.12 7.16
CA ASP A 136 -18.28 -22.08 7.05
C ASP A 136 -18.74 -21.80 5.63
N ALA A 137 -18.14 -20.83 4.96
CA ALA A 137 -18.67 -20.45 3.65
C ALA A 137 -18.46 -21.55 2.63
N GLU A 138 -17.51 -22.46 2.86
CA GLU A 138 -17.29 -23.59 1.97
C GLU A 138 -18.34 -24.67 2.16
N GLN A 139 -18.97 -24.73 3.31
CA GLN A 139 -19.96 -25.77 3.58
C GLN A 139 -20.96 -25.87 2.44
N ASP A 140 -21.34 -27.10 2.10
CA ASP A 140 -22.61 -27.35 1.41
C ASP A 140 -22.65 -26.65 0.06
N ASP A 141 -21.63 -26.89 -0.75
CA ASP A 141 -21.48 -26.25 -2.06
C ASP A 141 -21.62 -24.74 -1.94
N TYR A 142 -20.95 -24.17 -0.94
CA TYR A 142 -20.95 -22.72 -0.75
C TYR A 142 -22.37 -22.21 -0.50
N HIS A 143 -23.10 -22.93 0.35
CA HIS A 143 -24.51 -22.67 0.46
C HIS A 143 -24.80 -21.27 1.00
N ILE A 144 -24.05 -20.83 2.00
CA ILE A 144 -24.40 -19.58 2.67
C ILE A 144 -24.53 -18.43 1.68
N TRP A 145 -23.70 -18.39 0.64
CA TRP A 145 -23.79 -17.29 -0.30
C TRP A 145 -25.12 -17.29 -1.04
N SER A 146 -25.63 -18.46 -1.40
CA SER A 146 -26.96 -18.53 -1.99
C SER A 146 -28.04 -18.14 -1.02
N ALA A 147 -27.76 -18.18 0.28
CA ALA A 147 -28.77 -17.83 1.29
C ALA A 147 -28.76 -16.35 1.61
N LEU A 148 -27.59 -15.70 1.55
CA LEU A 148 -27.51 -14.27 1.82
C LEU A 148 -27.78 -13.46 0.57
N TYR A 149 -27.53 -14.02 -0.60
CA TYR A 149 -27.65 -13.27 -1.85
C TYR A 149 -28.62 -13.96 -2.80
N ASN A 150 -29.50 -13.16 -3.40
CA ASN A 150 -30.53 -13.67 -4.31
C ASN A 150 -29.91 -13.95 -5.68
N LEU A 151 -29.04 -14.96 -5.70
CA LEU A 151 -28.18 -15.22 -6.84
C LEU A 151 -28.90 -15.89 -8.01
N ASP A 152 -28.32 -15.72 -9.21
CA ASP A 152 -28.82 -16.50 -10.33
C ASP A 152 -28.33 -17.93 -10.20
N PRO A 153 -29.06 -18.89 -10.78
CA PRO A 153 -28.60 -20.29 -10.75
C PRO A 153 -27.16 -20.48 -11.19
N SER A 154 -26.74 -19.84 -12.28
CA SER A 154 -25.35 -19.96 -12.73
C SER A 154 -24.38 -19.35 -11.75
N GLU A 155 -24.85 -18.66 -10.72
CA GLU A 155 -23.99 -17.97 -9.79
C GLU A 155 -23.98 -18.59 -8.41
N GLN A 156 -24.69 -19.70 -8.21
CA GLN A 156 -24.76 -20.41 -6.94
C GLN A 156 -23.80 -21.58 -6.91
N GLY A 157 -23.46 -21.98 -5.70
CA GLY A 157 -22.70 -23.19 -5.58
C GLY A 157 -21.26 -23.09 -5.99
N VAL A 158 -20.74 -21.86 -6.09
CA VAL A 158 -19.34 -21.64 -6.40
C VAL A 158 -18.81 -20.58 -5.45
N ASN A 159 -17.51 -20.63 -5.18
CA ASN A 159 -16.91 -19.64 -4.28
C ASN A 159 -16.81 -18.30 -4.99
N PRO A 160 -17.37 -17.23 -4.41
CA PRO A 160 -17.31 -15.88 -5.01
C PRO A 160 -16.03 -15.52 -5.72
N LYS A 161 -14.89 -15.63 -5.04
CA LYS A 161 -13.63 -15.23 -5.66
C LYS A 161 -13.45 -15.93 -6.99
N ASP A 162 -13.90 -17.18 -7.10
CA ASP A 162 -13.74 -17.92 -8.34
C ASP A 162 -14.57 -17.33 -9.48
N ILE A 163 -15.55 -16.49 -9.16
CA ILE A 163 -16.28 -15.85 -10.25
C ILE A 163 -15.38 -14.86 -10.98
N ILE A 164 -14.70 -14.00 -10.23
CA ILE A 164 -13.71 -13.11 -10.85
C ILE A 164 -12.67 -13.92 -11.60
N ASN A 165 -12.30 -15.09 -11.04
CA ASN A 165 -11.34 -15.97 -11.69
C ASN A 165 -11.87 -16.47 -13.05
N VAL A 166 -13.08 -17.02 -13.06
CA VAL A 166 -13.60 -17.56 -14.30
C VAL A 166 -13.79 -16.46 -15.32
N VAL A 167 -14.17 -15.27 -14.87
CA VAL A 167 -14.39 -14.20 -15.82
C VAL A 167 -13.09 -13.80 -16.47
N PHE A 168 -12.02 -13.71 -15.67
CA PHE A 168 -10.68 -13.53 -16.22
C PHE A 168 -10.39 -14.54 -17.33
N ASN A 169 -10.58 -15.83 -17.04
CA ASN A 169 -10.32 -16.88 -18.04
C ASN A 169 -11.17 -16.74 -19.28
N ARG A 170 -12.40 -16.24 -19.17
CA ARG A 170 -13.19 -16.03 -20.36
C ARG A 170 -12.64 -14.88 -21.20
N ILE A 171 -12.28 -13.78 -20.54
CA ILE A 171 -11.64 -12.65 -21.23
C ILE A 171 -10.42 -13.12 -22.02
N LEU A 172 -9.62 -14.01 -21.43
CA LEU A 172 -8.43 -14.49 -22.15
C LEU A 172 -8.80 -15.45 -23.26
N GLN A 173 -9.87 -16.24 -23.07
CA GLN A 173 -10.26 -17.16 -24.12
C GLN A 173 -10.69 -16.42 -25.37
N VAL A 174 -11.41 -15.31 -25.20
CA VAL A 174 -11.95 -14.55 -26.34
C VAL A 174 -10.94 -13.62 -26.98
N ASN A 175 -9.75 -13.45 -26.40
CA ASN A 175 -8.67 -12.66 -27.00
C ASN A 175 -7.46 -13.56 -27.14
N PRO A 176 -7.44 -14.44 -28.14
CA PRO A 176 -6.25 -15.30 -28.33
C PRO A 176 -5.08 -14.51 -28.87
N GLN A 177 -5.36 -13.48 -29.67
CA GLN A 177 -4.35 -12.55 -30.17
C GLN A 177 -3.39 -12.11 -29.08
N PHE A 178 -3.83 -12.16 -27.83
CA PHE A 178 -3.08 -11.56 -26.75
C PHE A 178 -2.15 -12.59 -26.04
N PRO A 182 2.47 -17.19 -20.51
CA PRO A 182 3.23 -16.12 -19.85
C PRO A 182 3.32 -16.34 -18.31
N GLU A 183 4.42 -16.94 -17.84
CA GLU A 183 4.42 -17.57 -16.52
C GLU A 183 4.35 -16.54 -15.39
N VAL A 184 5.15 -15.48 -15.46
CA VAL A 184 5.15 -14.43 -14.45
C VAL A 184 4.41 -13.24 -15.04
N ARG A 185 3.31 -12.86 -14.41
CA ARG A 185 2.37 -11.89 -14.97
C ARG A 185 2.66 -10.49 -14.40
N GLY A 186 3.54 -9.75 -15.07
CA GLY A 186 3.99 -8.47 -14.59
C GLY A 186 3.33 -7.29 -15.27
N PRO A 187 3.87 -6.10 -15.06
CA PRO A 187 3.24 -4.90 -15.64
C PRO A 187 3.11 -4.95 -17.16
N GLU A 188 4.02 -5.58 -17.89
CA GLU A 188 3.81 -5.70 -19.33
C GLU A 188 2.51 -6.41 -19.61
N PHE A 189 2.33 -7.57 -18.98
CA PHE A 189 1.11 -8.33 -19.16
C PHE A 189 -0.11 -7.46 -18.91
N TRP A 190 -0.10 -6.69 -17.80
CA TRP A 190 -1.32 -6.01 -17.36
C TRP A 190 -1.61 -4.80 -18.22
N GLN A 191 -0.58 -4.16 -18.76
CA GLN A 191 -0.82 -3.06 -19.69
C GLN A 191 -1.40 -3.59 -21.00
N ASN A 192 -0.83 -4.68 -21.54
CA ASN A 192 -1.36 -5.20 -22.79
C ASN A 192 -2.75 -5.78 -22.60
N PHE A 193 -2.97 -6.40 -21.43
CA PHE A 193 -4.27 -6.99 -21.13
C PHE A 193 -5.38 -5.93 -21.25
N ARG A 194 -5.24 -4.81 -20.53
CA ARG A 194 -6.26 -3.77 -20.55
C ARG A 194 -6.22 -2.93 -21.82
N LEU A 195 -5.09 -2.87 -22.54
CA LEU A 195 -5.08 -2.07 -23.75
C LEU A 195 -5.35 -2.88 -25.01
N GLN A 196 -5.23 -4.21 -24.99
CA GLN A 196 -5.41 -4.96 -26.22
C GLN A 196 -6.56 -5.95 -26.21
N CYS A 197 -6.93 -6.51 -25.06
CA CYS A 197 -8.08 -7.39 -24.99
C CYS A 197 -9.38 -6.59 -25.02
N GLN A 198 -10.36 -7.09 -25.76
CA GLN A 198 -11.67 -6.43 -25.73
C GLN A 198 -12.74 -7.40 -25.26
N TRP A 199 -13.93 -6.83 -25.09
CA TRP A 199 -15.16 -7.55 -24.83
C TRP A 199 -16.25 -6.85 -25.62
N GLN A 200 -16.97 -7.60 -26.46
CA GLN A 200 -17.92 -7.04 -27.40
C GLN A 200 -17.32 -5.86 -28.17
N GLY A 201 -16.14 -6.09 -28.76
CA GLY A 201 -15.51 -5.09 -29.59
C GLY A 201 -15.00 -3.87 -28.87
N GLU A 202 -15.24 -3.73 -27.57
CA GLU A 202 -14.73 -2.62 -26.81
C GLU A 202 -13.59 -3.11 -25.94
N PRO A 203 -12.39 -2.53 -26.06
CA PRO A 203 -11.27 -2.94 -25.21
C PRO A 203 -11.53 -2.65 -23.74
N LEU A 204 -10.82 -3.40 -22.91
CA LEU A 204 -11.15 -3.42 -21.49
C LEU A 204 -11.03 -2.05 -20.84
N TYR A 205 -10.13 -1.19 -21.31
CA TYR A 205 -10.00 0.10 -20.64
C TYR A 205 -11.08 1.08 -21.04
N ASN A 206 -11.93 0.74 -22.01
CA ASN A 206 -13.16 1.49 -22.26
C ASN A 206 -14.33 0.96 -21.44
N TRP A 207 -14.09 -0.01 -20.57
CA TRP A 207 -15.13 -0.63 -19.75
C TRP A 207 -14.99 -0.26 -18.28
N SER A 208 -16.11 -0.12 -17.59
CA SER A 208 -16.08 -0.30 -16.16
C SER A 208 -16.30 -1.78 -15.87
N LEU A 209 -15.75 -2.24 -14.74
CA LEU A 209 -15.98 -3.63 -14.33
C LEU A 209 -17.46 -3.85 -14.03
N TRP A 210 -18.11 -2.87 -13.40
CA TRP A 210 -19.53 -2.93 -13.11
C TRP A 210 -20.34 -3.16 -14.38
N ASP A 211 -20.08 -2.37 -15.41
CA ASP A 211 -20.76 -2.61 -16.67
C ASP A 211 -20.32 -3.91 -17.31
N LEU A 212 -19.09 -4.33 -17.06
CA LEU A 212 -18.58 -5.53 -17.70
C LEU A 212 -19.36 -6.75 -17.23
N LEU A 213 -19.38 -6.99 -15.92
CA LEU A 213 -20.10 -8.14 -15.38
C LEU A 213 -21.57 -8.11 -15.74
N THR A 214 -22.22 -6.96 -15.59
CA THR A 214 -23.60 -6.78 -15.98
C THR A 214 -23.81 -7.19 -17.43
N ASP A 215 -22.99 -6.68 -18.35
CA ASP A 215 -23.13 -7.03 -19.76
C ASP A 215 -22.89 -8.51 -19.98
N MET A 216 -22.04 -9.11 -19.14
CA MET A 216 -21.83 -10.54 -19.18
C MET A 216 -23.01 -11.31 -18.60
N GLY A 217 -23.96 -10.63 -17.96
CA GLY A 217 -25.19 -11.26 -17.56
C GLY A 217 -25.30 -11.60 -16.10
N TYR A 218 -24.36 -11.16 -15.27
CA TYR A 218 -24.44 -11.42 -13.84
C TYR A 218 -25.54 -10.59 -13.21
N SER A 219 -26.13 -11.15 -12.15
CA SER A 219 -27.14 -10.45 -11.37
C SER A 219 -26.52 -9.31 -10.58
N GLN A 220 -27.34 -8.31 -10.26
CA GLN A 220 -26.86 -7.22 -9.42
C GLN A 220 -26.53 -7.72 -8.01
N GLU A 221 -27.31 -8.68 -7.52
CA GLU A 221 -27.03 -9.38 -6.28
C GLU A 221 -25.65 -10.00 -6.32
N CYS A 222 -25.34 -10.70 -7.40
CA CYS A 222 -24.02 -11.31 -7.51
C CYS A 222 -22.93 -10.27 -7.46
N ILE A 223 -23.15 -9.12 -8.14
CA ILE A 223 -22.14 -8.09 -8.28
C ILE A 223 -21.90 -7.34 -6.96
N THR A 224 -22.96 -7.10 -6.18
CA THR A 224 -22.79 -6.57 -4.83
C THR A 224 -22.06 -7.58 -3.94
N MET A 225 -22.36 -8.87 -4.11
CA MET A 225 -21.62 -9.88 -3.36
C MET A 225 -20.14 -9.80 -3.68
N LEU A 226 -19.80 -9.62 -4.95
CA LEU A 226 -18.39 -9.61 -5.35
C LEU A 226 -17.65 -8.42 -4.76
N TYR A 227 -18.24 -7.22 -4.81
CA TYR A 227 -17.48 -6.09 -4.30
C TYR A 227 -17.57 -5.97 -2.78
N ARG A 228 -18.54 -6.61 -2.15
CA ARG A 228 -18.50 -6.60 -0.70
C ARG A 228 -17.54 -7.66 -0.17
N VAL A 229 -17.48 -8.81 -0.86
CA VAL A 229 -16.69 -9.93 -0.33
C VAL A 229 -15.23 -9.84 -0.71
N LEU A 230 -14.86 -8.89 -1.60
CA LEU A 230 -13.48 -8.59 -1.92
C LEU A 230 -12.95 -7.39 -1.13
N GLY A 231 -13.73 -6.86 -0.20
CA GLY A 231 -13.27 -5.84 0.74
C GLY A 231 -13.00 -4.46 0.17
N PHE A 232 -12.73 -4.37 -1.14
CA PHE A 232 -12.28 -3.12 -1.72
C PHE A 232 -13.07 -2.81 -3.00
N ASN A 233 -14.25 -2.22 -2.79
CA ASN A 233 -15.30 -2.07 -3.79
C ASN A 233 -14.99 -1.03 -4.85
N GLY A 234 -13.89 -0.30 -4.74
CA GLY A 234 -13.58 0.70 -5.75
C GLY A 234 -13.37 0.11 -7.12
N THR A 235 -12.86 -1.12 -7.17
CA THR A 235 -12.74 -1.83 -8.44
C THR A 235 -14.03 -1.87 -9.25
N PHE A 236 -15.19 -1.71 -8.59
CA PHE A 236 -16.50 -1.78 -9.24
C PHE A 236 -17.20 -0.44 -9.36
N LEU A 237 -17.15 0.38 -8.32
CA LEU A 237 -17.97 1.57 -8.21
C LEU A 237 -17.24 2.86 -8.56
N SER A 238 -15.91 2.88 -8.48
CA SER A 238 -15.14 4.05 -8.83
C SER A 238 -15.12 4.22 -10.35
N LYS A 239 -14.52 5.30 -10.82
CA LYS A 239 -14.47 5.52 -12.26
C LYS A 239 -13.31 4.76 -12.93
N MET A 240 -12.60 3.93 -12.16
CA MET A 240 -11.48 3.16 -12.69
C MET A 240 -11.97 2.15 -13.70
N ASN A 241 -11.14 1.88 -14.71
CA ASN A 241 -11.61 1.04 -15.80
C ASN A 241 -11.34 -0.42 -15.50
N ALA A 242 -12.01 -1.27 -16.27
CA ALA A 242 -12.11 -2.67 -15.88
C ALA A 242 -10.74 -3.34 -15.91
N GLY A 243 -9.89 -2.98 -16.89
CA GLY A 243 -8.63 -3.69 -17.06
C GLY A 243 -7.70 -3.48 -15.88
N VAL A 244 -7.56 -2.24 -15.44
CA VAL A 244 -6.72 -1.97 -14.29
C VAL A 244 -7.35 -2.56 -13.03
N ALA A 245 -8.69 -2.56 -12.95
CA ALA A 245 -9.33 -3.19 -11.79
C ALA A 245 -8.92 -4.65 -11.69
N TYR A 246 -8.87 -5.34 -12.83
CA TYR A 246 -8.51 -6.75 -12.80
C TYR A 246 -7.10 -6.96 -12.28
N GLN A 247 -6.14 -6.19 -12.83
CA GLN A 247 -4.76 -6.18 -12.35
C GLN A 247 -4.69 -6.23 -10.83
N LEU A 248 -5.57 -5.46 -10.17
CA LEU A 248 -5.61 -5.46 -8.71
C LEU A 248 -6.28 -6.71 -8.15
N LEU A 249 -7.37 -7.18 -8.78
CA LEU A 249 -8.14 -8.32 -8.25
C LEU A 249 -7.33 -9.62 -8.33
N GLU A 250 -6.61 -9.81 -9.43
CA GLU A 250 -5.75 -10.95 -9.61
C GLU A 250 -4.32 -10.68 -9.13
N ASP A 251 -4.17 -9.86 -8.09
CA ASP A 251 -2.90 -9.70 -7.39
C ASP A 251 -2.89 -10.47 -6.07
N PHE A 252 -4.04 -10.99 -5.65
CA PHE A 252 -4.20 -11.73 -4.40
C PHE A 252 -4.78 -13.11 -4.68
N PRO A 253 -4.01 -14.01 -5.30
CA PRO A 253 -4.44 -15.41 -5.37
C PRO A 253 -4.50 -16.04 -4.00
N ALA A 254 -5.05 -17.25 -3.97
CA ALA A 254 -5.09 -18.04 -2.75
C ALA A 254 -3.67 -18.29 -2.21
N ASP A 255 -2.76 -18.68 -3.10
CA ASP A 255 -1.40 -19.11 -2.78
C ASP A 255 -0.40 -17.95 -2.75
N VAL A 256 -0.83 -16.73 -2.41
CA VAL A 256 0.11 -15.63 -2.25
C VAL A 256 1.00 -15.91 -1.06
N GLU A 257 2.31 -15.73 -1.26
CA GLU A 257 3.23 -15.64 -0.14
C GLU A 257 3.78 -14.20 -0.10
N PHE A 258 2.96 -13.31 0.44
CA PHE A 258 3.44 -11.97 0.72
C PHE A 258 4.52 -12.00 1.79
N ARG A 259 5.43 -11.05 1.69
CA ARG A 259 6.38 -10.80 2.76
C ARG A 259 6.31 -9.32 3.11
N THR A 260 6.89 -8.98 4.26
CA THR A 260 7.04 -7.60 4.69
C THR A 260 8.40 -7.45 5.35
N PHE A 261 8.66 -6.28 5.93
CA PHE A 261 9.82 -6.04 6.78
C PHE A 261 9.39 -6.14 8.23
N LYS A 262 10.25 -6.74 9.05
CA LYS A 262 9.92 -6.96 10.46
C LYS A 262 9.63 -5.65 11.16
N ASP A 263 10.44 -4.62 10.90
CA ASP A 263 10.24 -3.32 11.51
C ASP A 263 9.33 -2.41 10.69
N GLY A 264 8.79 -2.89 9.58
CA GLY A 264 7.83 -2.13 8.81
C GLY A 264 8.41 -1.64 7.49
N PHE A 265 7.51 -1.32 6.56
CA PHE A 265 7.91 -0.89 5.23
C PHE A 265 8.72 0.39 5.28
N SER A 266 8.67 1.11 6.40
CA SER A 266 9.49 2.31 6.54
C SER A 266 10.97 1.97 6.58
N THR A 267 11.31 0.70 6.86
CA THR A 267 12.69 0.27 6.69
C THR A 267 13.27 0.80 5.39
N LEU A 268 12.48 0.74 4.31
CA LEU A 268 13.05 1.04 2.99
C LEU A 268 13.31 2.52 2.80
N PRO A 269 12.38 3.43 3.06
CA PRO A 269 12.73 4.84 2.91
C PRO A 269 13.79 5.29 3.90
N ASN A 270 13.70 4.86 5.18
CA ASN A 270 14.75 5.21 6.14
C ASN A 270 16.11 4.78 5.63
N ALA A 271 16.19 3.54 5.14
CA ALA A 271 17.44 3.05 4.57
C ALA A 271 17.89 3.92 3.40
N LEU A 272 16.94 4.43 2.60
CA LEU A 272 17.32 5.37 1.54
C LEU A 272 17.77 6.70 2.11
N VAL A 273 17.19 7.15 3.22
CA VAL A 273 17.55 8.46 3.77
C VAL A 273 18.99 8.43 4.32
N ASP A 274 19.35 7.36 5.02
CA ASP A 274 20.72 7.22 5.50
C ASP A 274 21.72 7.37 4.37
N LYS A 275 21.42 6.72 3.23
CA LYS A 275 22.32 6.64 2.09
C LYS A 275 22.16 7.83 1.15
N ILE A 276 21.28 8.77 1.48
CA ILE A 276 21.19 10.06 0.81
C ILE A 276 21.79 11.17 1.66
N GLY A 277 21.50 11.15 2.96
CA GLY A 277 21.92 12.18 3.88
C GLY A 277 20.79 13.13 4.17
N LYS A 278 20.50 13.35 5.46
CA LYS A 278 19.45 14.28 5.84
C LYS A 278 19.76 15.71 5.44
N ASP A 279 21.00 15.98 5.00
CA ASP A 279 21.41 17.32 4.63
C ASP A 279 20.97 17.72 3.23
N LYS A 280 20.73 16.77 2.34
CA LYS A 280 20.12 17.10 1.05
C LYS A 280 18.61 17.02 1.07
N ILE A 281 17.99 16.72 2.21
CA ILE A 281 16.54 16.63 2.32
C ILE A 281 16.02 17.77 3.20
N HIS A 282 15.00 18.47 2.71
CA HIS A 282 14.46 19.68 3.31
C HIS A 282 13.00 19.47 3.68
N LEU A 283 12.74 19.25 4.96
CA LEU A 283 11.39 18.95 5.42
C LEU A 283 10.64 20.23 5.74
N GLN A 284 9.30 20.08 5.87
CA GLN A 284 8.38 21.20 6.07
C GLN A 284 8.58 22.29 5.02
N THR A 285 9.04 21.90 3.83
CA THR A 285 9.39 22.81 2.73
C THR A 285 8.52 22.44 1.55
N SER A 286 7.38 23.10 1.44
CA SER A 286 6.47 22.89 0.32
C SER A 286 6.91 23.70 -0.89
N ILE A 287 7.04 23.04 -2.05
CA ILE A 287 7.31 23.74 -3.31
C ILE A 287 5.99 24.31 -3.82
N ASP A 288 5.88 25.65 -3.86
CA ASP A 288 4.60 26.29 -4.17
C ASP A 288 4.36 26.45 -5.67
N SER A 289 5.39 26.73 -6.46
CA SER A 289 5.21 26.95 -7.90
C SER A 289 6.58 27.00 -8.57
N ILE A 290 6.55 26.93 -9.90
CA ILE A 290 7.78 26.83 -10.70
C ILE A 290 7.64 27.71 -11.93
N ALA A 291 8.60 28.62 -12.12
CA ALA A 291 8.76 29.36 -13.37
C ALA A 291 10.11 28.98 -13.98
N PHE A 292 10.33 29.48 -15.20
CA PHE A 292 11.54 29.19 -15.94
C PHE A 292 12.21 30.50 -16.36
N ASP A 293 13.36 30.82 -15.72
CA ASP A 293 14.23 31.93 -16.13
C ASP A 293 14.72 31.71 -17.56
N LYS A 294 14.15 32.44 -18.52
CA LYS A 294 14.53 32.26 -19.92
C LYS A 294 15.97 32.65 -20.19
N ALA A 295 16.56 33.51 -19.35
CA ALA A 295 17.94 33.96 -19.53
C ALA A 295 18.93 32.84 -19.21
N ASP A 296 19.23 32.62 -17.94
CA ASP A 296 20.20 31.58 -17.58
C ASP A 296 19.63 30.14 -17.70
N SER A 297 18.51 29.95 -18.42
CA SER A 297 17.88 28.65 -18.63
C SER A 297 17.87 27.76 -17.39
N LYS A 298 17.08 28.16 -16.40
CA LYS A 298 17.00 27.45 -15.12
C LYS A 298 15.57 27.56 -14.61
N TYR A 299 15.04 26.46 -14.07
CA TYR A 299 13.73 26.55 -13.44
C TYR A 299 13.87 27.32 -12.13
N VAL A 300 12.78 27.97 -11.72
CA VAL A 300 12.80 28.84 -10.54
C VAL A 300 11.61 28.47 -9.66
N LEU A 301 11.92 27.90 -8.48
CA LEU A 301 10.95 27.19 -7.65
C LEU A 301 10.60 28.04 -6.42
N LYS A 302 9.36 28.54 -6.38
CA LYS A 302 8.85 29.29 -5.24
C LYS A 302 8.40 28.33 -4.16
N TYR A 303 8.77 28.59 -2.90
CA TYR A 303 8.57 27.61 -1.86
C TYR A 303 8.11 28.29 -0.56
N THR A 304 7.81 27.45 0.43
CA THR A 304 7.42 27.94 1.75
C THR A 304 7.91 26.94 2.79
N LYS A 305 8.82 27.37 3.68
CA LYS A 305 9.33 26.53 4.75
C LYS A 305 8.88 27.04 6.12
N ILE A 306 8.67 26.08 7.03
CA ILE A 306 8.51 26.34 8.46
C ILE A 306 9.82 25.95 9.13
N ASP A 307 10.35 26.83 9.97
CA ASP A 307 11.57 26.51 10.69
C ASP A 307 11.21 25.69 11.93
N GLN A 308 12.18 25.50 12.81
CA GLN A 308 12.02 24.62 13.96
C GLN A 308 11.36 25.30 15.15
N SER A 309 11.25 26.62 15.15
CA SER A 309 10.42 27.33 16.12
C SER A 309 8.99 27.47 15.64
N GLY A 310 8.74 27.13 14.38
CA GLY A 310 7.41 27.26 13.81
C GLY A 310 7.14 28.63 13.25
N GLN A 311 8.15 29.27 12.66
CA GLN A 311 7.94 30.57 12.02
C GLN A 311 8.25 30.43 10.54
N VAL A 312 7.22 30.63 9.72
CA VAL A 312 7.21 30.41 8.28
C VAL A 312 8.33 31.19 7.60
N SER A 313 8.57 30.91 6.32
CA SER A 313 9.50 31.64 5.47
C SER A 313 9.18 31.30 4.02
N GLU A 314 9.31 32.27 3.12
CA GLU A 314 8.98 32.10 1.72
C GLU A 314 10.17 32.47 0.86
N GLY A 315 10.81 31.49 0.26
CA GLY A 315 11.97 31.76 -0.56
C GLY A 315 11.82 31.33 -2.00
N LYS A 316 12.94 30.99 -2.63
CA LYS A 316 12.99 30.74 -4.06
C LYS A 316 14.41 30.34 -4.42
N PHE A 317 14.58 29.45 -5.39
CA PHE A 317 15.89 29.02 -5.85
C PHE A 317 15.75 28.52 -7.28
N LYS A 318 16.88 28.16 -7.88
CA LYS A 318 16.88 27.64 -9.23
C LYS A 318 17.36 26.20 -9.23
N ALA A 319 17.15 25.53 -10.37
CA ALA A 319 17.64 24.19 -10.59
C ALA A 319 17.62 23.91 -12.09
N GLU A 320 18.68 23.26 -12.57
CA GLU A 320 18.77 22.98 -14.01
C GLU A 320 17.70 21.98 -14.41
N LYS A 321 17.55 20.91 -13.62
CA LYS A 321 16.58 19.85 -13.82
C LYS A 321 15.62 19.75 -12.64
N VAL A 322 14.34 19.60 -12.91
CA VAL A 322 13.32 19.49 -11.86
C VAL A 322 12.71 18.09 -11.91
N ILE A 323 12.63 17.45 -10.75
CA ILE A 323 12.01 16.13 -10.63
C ILE A 323 10.82 16.24 -9.66
N LEU A 324 9.60 16.11 -10.21
CA LEU A 324 8.35 16.06 -9.43
C LEU A 324 7.97 14.58 -9.26
N GLY A 325 8.20 14.05 -8.07
CA GLY A 325 7.71 12.74 -7.71
C GLY A 325 6.42 12.88 -6.92
N LEU A 326 5.35 13.27 -7.59
CA LEU A 326 4.14 13.67 -6.91
C LEU A 326 2.92 13.02 -7.53
N PRO A 327 1.91 12.68 -6.72
CA PRO A 327 0.67 12.09 -7.26
C PRO A 327 -0.23 13.11 -7.94
N ARG A 328 -1.27 12.60 -8.63
CA ARG A 328 -2.21 13.40 -9.41
C ARG A 328 -2.64 14.70 -8.74
N LEU A 329 -3.06 14.65 -7.48
CA LEU A 329 -3.58 15.87 -6.85
C LEU A 329 -2.48 16.92 -6.67
N ALA A 330 -1.33 16.52 -6.12
CA ALA A 330 -0.24 17.47 -5.96
C ALA A 330 0.20 18.07 -7.28
N LEU A 331 0.14 17.30 -8.36
CA LEU A 331 0.64 17.76 -9.65
C LEU A 331 -0.28 18.79 -10.27
N GLU A 332 -1.59 18.63 -10.08
CA GLU A 332 -2.52 19.66 -10.53
C GLU A 332 -2.29 20.96 -9.78
N LYS A 333 -1.99 20.88 -8.47
CA LYS A 333 -1.83 22.08 -7.66
C LYS A 333 -0.68 22.95 -8.18
N LEU A 334 0.49 22.34 -8.39
CA LEU A 334 1.59 23.05 -9.01
C LEU A 334 1.23 23.52 -10.41
N PHE A 335 0.61 22.66 -11.22
CA PHE A 335 0.26 23.04 -12.60
C PHE A 335 -0.56 24.32 -12.64
N ILE A 336 -1.56 24.42 -11.76
CA ILE A 336 -2.39 25.61 -11.68
C ILE A 336 -1.52 26.84 -11.43
N ALA A 337 -0.64 26.76 -10.42
CA ALA A 337 -0.01 27.91 -9.80
C ALA A 337 1.38 28.26 -10.36
N SER A 338 1.81 27.67 -11.49
CA SER A 338 3.20 27.80 -11.94
C SER A 338 3.26 28.51 -13.28
N ASP A 339 4.02 29.63 -13.32
CA ASP A 339 4.21 30.35 -14.57
C ASP A 339 4.78 29.46 -15.66
N ALA A 340 5.64 28.50 -15.28
CA ALA A 340 6.19 27.59 -16.27
C ALA A 340 5.09 26.85 -17.03
N PHE A 341 3.94 26.64 -16.39
CA PHE A 341 2.82 25.95 -17.02
C PHE A 341 1.80 26.90 -17.65
N LYS A 342 1.43 27.97 -16.94
CA LYS A 342 0.42 28.89 -17.48
C LYS A 342 0.88 29.47 -18.81
N GLN A 343 2.15 29.88 -18.89
CA GLN A 343 2.65 30.47 -20.12
C GLN A 343 2.86 29.42 -21.21
N LEU A 344 2.21 28.28 -21.11
CA LEU A 344 2.26 27.32 -22.20
C LEU A 344 1.14 27.62 -23.19
N PRO A 345 1.29 27.20 -24.44
CA PRO A 345 0.22 27.41 -25.42
C PRO A 345 -1.08 26.76 -24.97
N LYS A 346 -2.20 27.40 -25.34
CA LYS A 346 -3.53 26.92 -24.98
C LYS A 346 -3.70 25.43 -25.25
N LYS A 347 -3.26 24.98 -26.43
CA LYS A 347 -3.53 23.59 -26.79
C LYS A 347 -2.71 22.62 -25.97
N ARG A 348 -1.45 22.93 -25.73
CA ARG A 348 -0.61 21.98 -24.98
C ARG A 348 -0.91 22.05 -23.49
N ARG A 349 -1.18 23.24 -22.97
CA ARG A 349 -1.60 23.39 -21.58
C ARG A 349 -2.88 22.61 -21.31
N ASP A 350 -3.89 22.76 -22.18
CA ASP A 350 -5.14 22.04 -21.98
C ASP A 350 -4.96 20.54 -22.26
N GLU A 351 -4.17 20.18 -23.25
CA GLU A 351 -3.88 18.76 -23.49
C GLU A 351 -3.24 18.13 -22.27
N LEU A 352 -2.31 18.84 -21.63
CA LEU A 352 -1.54 18.26 -20.53
C LEU A 352 -2.34 18.23 -19.24
N TRP A 353 -3.17 19.24 -18.99
CA TRP A 353 -4.16 19.13 -17.94
C TRP A 353 -5.07 17.93 -18.18
N ASP A 354 -5.54 17.76 -19.41
CA ASP A 354 -6.47 16.68 -19.72
C ASP A 354 -5.86 15.33 -19.40
N THR A 355 -4.58 15.14 -19.70
CA THR A 355 -3.98 13.85 -19.41
C THR A 355 -3.59 13.71 -17.94
N LEU A 356 -3.50 14.81 -17.18
CA LEU A 356 -3.48 14.65 -15.73
C LEU A 356 -4.75 13.98 -15.23
N GLN A 357 -5.86 14.19 -15.93
CA GLN A 357 -7.12 13.68 -15.42
C GLN A 357 -7.29 12.20 -15.67
N SER A 358 -6.33 11.53 -16.32
CA SER A 358 -6.58 10.17 -16.81
C SER A 358 -6.26 9.07 -15.82
N THR A 359 -5.82 9.39 -14.61
CA THR A 359 -5.75 8.40 -13.54
C THR A 359 -6.74 8.77 -12.45
N SER A 360 -7.52 7.79 -12.00
CA SER A 360 -8.56 8.03 -11.01
C SER A 360 -7.97 7.97 -9.60
N ASN A 361 -8.40 8.90 -8.76
CA ASN A 361 -7.96 8.94 -7.37
C ASN A 361 -8.76 7.94 -6.55
N GLN A 362 -8.08 7.03 -5.88
CA GLN A 362 -8.71 6.05 -5.01
C GLN A 362 -8.47 6.42 -3.56
N PRO A 363 -9.48 6.89 -2.82
CA PRO A 363 -9.28 7.09 -1.40
C PRO A 363 -8.99 5.76 -0.73
N LEU A 364 -8.17 5.80 0.33
CA LEU A 364 -7.96 4.65 1.18
C LEU A 364 -7.90 5.13 2.63
N LEU A 365 -8.09 4.21 3.55
CA LEU A 365 -7.82 4.57 4.93
C LEU A 365 -7.30 3.37 5.68
N LYS A 366 -6.70 3.65 6.84
CA LYS A 366 -6.27 2.62 7.78
C LYS A 366 -6.36 3.22 9.18
N ILE A 367 -7.14 2.57 10.04
CA ILE A 367 -7.30 2.96 11.44
C ILE A 367 -6.79 1.80 12.27
N ASN A 368 -5.76 2.05 13.07
CA ASN A 368 -5.15 0.99 13.86
C ASN A 368 -5.59 1.09 15.30
N LEU A 369 -6.02 -0.01 15.89
CA LEU A 369 -6.34 -0.05 17.31
C LEU A 369 -5.45 -1.09 17.97
N TYR A 370 -4.58 -0.64 18.87
CA TYR A 370 -3.69 -1.50 19.63
C TYR A 370 -4.36 -1.94 20.92
N TYR A 371 -4.07 -3.18 21.32
CA TYR A 371 -4.56 -3.74 22.57
C TYR A 371 -3.40 -4.37 23.33
N ASP A 372 -3.45 -4.26 24.65
CA ASP A 372 -2.40 -4.85 25.48
C ASP A 372 -2.25 -6.34 25.21
N THR A 373 -3.35 -7.04 24.88
CA THR A 373 -3.35 -8.45 24.52
C THR A 373 -4.37 -8.61 23.41
N ALA A 374 -4.42 -9.79 22.80
CA ALA A 374 -5.32 -10.03 21.68
C ALA A 374 -6.53 -10.84 22.11
N TRP A 375 -7.73 -10.37 21.74
CA TRP A 375 -8.97 -10.95 22.23
C TRP A 375 -9.68 -11.82 21.20
N TRP A 376 -9.09 -12.04 20.03
CA TRP A 376 -9.75 -12.82 18.99
C TRP A 376 -9.22 -14.23 18.91
N GLY A 377 -8.36 -14.62 19.87
CA GLY A 377 -7.93 -16.00 19.95
C GLY A 377 -8.96 -16.85 20.66
N THR A 378 -8.87 -18.18 20.47
CA THR A 378 -9.87 -19.06 21.04
C THR A 378 -9.98 -18.90 22.56
N GLY A 379 -8.89 -18.52 23.23
CA GLY A 379 -8.99 -18.24 24.66
C GLY A 379 -10.02 -17.17 24.99
N MET A 380 -10.17 -16.17 24.12
CA MET A 380 -11.08 -15.07 24.44
C MET A 380 -12.44 -15.15 23.75
N THR A 381 -12.55 -15.89 22.64
CA THR A 381 -13.80 -16.03 21.91
C THR A 381 -14.55 -17.32 22.19
N GLY A 382 -13.87 -18.38 22.58
CA GLY A 382 -14.52 -19.66 22.53
C GLY A 382 -14.80 -20.16 21.12
N ARG A 383 -14.26 -19.50 20.10
CA ARG A 383 -14.42 -19.89 18.70
C ARG A 383 -13.04 -20.16 18.10
N PRO A 384 -12.96 -20.84 16.95
CA PRO A 384 -11.64 -21.10 16.35
C PRO A 384 -10.88 -19.81 16.13
N ALA A 385 -9.61 -19.83 16.54
CA ALA A 385 -8.82 -18.60 16.66
C ALA A 385 -8.56 -17.96 15.29
N VAL A 386 -8.53 -16.65 15.29
CA VAL A 386 -8.17 -15.89 14.11
C VAL A 386 -6.70 -15.51 14.22
N SER A 387 -5.99 -15.59 13.09
CA SER A 387 -4.55 -15.41 13.12
C SER A 387 -4.12 -14.31 12.15
N PHE A 388 -4.24 -14.52 10.83
CA PHE A 388 -3.63 -13.65 9.85
C PHE A 388 -4.52 -13.52 8.63
N GLY A 389 -4.39 -12.39 7.96
CA GLY A 389 -5.14 -12.19 6.75
C GLY A 389 -6.34 -11.29 6.95
N PRO A 390 -7.06 -10.99 5.86
CA PRO A 390 -8.19 -10.07 5.95
C PRO A 390 -9.46 -10.75 6.44
N ASN A 391 -10.09 -10.12 7.43
CA ASN A 391 -11.44 -10.47 7.83
C ASN A 391 -12.37 -9.50 7.12
N PHE A 392 -13.11 -10.00 6.14
CA PHE A 392 -13.89 -9.13 5.28
C PHE A 392 -15.28 -8.96 5.87
N ALA A 393 -15.93 -7.84 5.51
CA ALA A 393 -17.32 -7.63 5.87
C ALA A 393 -17.93 -6.56 4.96
N ASP A 394 -19.26 -6.59 4.83
CA ASP A 394 -19.94 -5.55 4.08
C ASP A 394 -20.24 -4.34 4.94
N LEU A 395 -19.82 -4.36 6.21
CA LEU A 395 -19.86 -3.21 7.10
C LEU A 395 -18.78 -2.20 6.68
N PRO A 396 -18.84 -0.97 7.20
CA PRO A 396 -17.88 0.05 6.76
C PRO A 396 -16.43 -0.33 7.00
N THR A 397 -16.19 -1.26 7.92
CA THR A 397 -14.95 -2.01 8.07
C THR A 397 -14.22 -2.27 6.77
N GLY A 398 -14.93 -2.80 5.78
CA GLY A 398 -14.27 -3.37 4.62
C GLY A 398 -13.54 -4.62 5.02
N SER A 399 -12.33 -4.45 5.54
CA SER A 399 -11.48 -5.58 5.92
C SER A 399 -10.76 -5.24 7.22
N VAL A 400 -10.33 -6.28 7.93
CA VAL A 400 -9.63 -6.13 9.20
C VAL A 400 -8.45 -7.10 9.20
N TYR A 401 -7.26 -6.56 9.49
CA TYR A 401 -6.03 -7.34 9.47
C TYR A 401 -5.38 -7.32 10.84
N PRO A 402 -5.11 -8.49 11.43
CA PRO A 402 -4.46 -8.54 12.74
C PRO A 402 -2.95 -8.34 12.64
N PHE A 403 -2.41 -7.59 13.62
CA PHE A 403 -0.98 -7.39 13.73
C PHE A 403 -0.53 -7.76 15.12
N TYR A 404 0.63 -8.44 15.22
CA TYR A 404 1.10 -8.98 16.48
C TYR A 404 2.44 -8.37 16.86
N ALA A 405 2.63 -8.25 18.18
CA ALA A 405 3.91 -7.87 18.74
C ALA A 405 5.03 -8.66 18.08
N LEU A 406 6.14 -7.96 17.78
CA LEU A 406 7.26 -8.63 17.13
C LEU A 406 7.84 -9.68 18.05
N ASN A 407 8.28 -10.79 17.46
CA ASN A 407 8.68 -11.98 18.19
C ASN A 407 9.38 -12.96 17.27
N ASP A 408 10.65 -13.23 17.54
CA ASP A 408 11.43 -14.00 16.58
C ASP A 408 10.85 -15.39 16.35
N GLU A 409 10.52 -16.10 17.43
CA GLU A 409 9.97 -17.44 17.29
C GLU A 409 8.75 -17.46 16.36
N LEU A 410 7.86 -16.48 16.52
CA LEU A 410 6.66 -16.43 15.70
C LEU A 410 6.99 -16.35 14.22
N ALA A 411 7.94 -15.49 13.85
CA ALA A 411 8.26 -15.39 12.43
C ALA A 411 8.88 -16.69 11.92
N ALA A 412 9.62 -17.39 12.78
CA ALA A 412 10.12 -18.69 12.39
C ALA A 412 8.98 -19.67 12.15
N ALA A 413 8.01 -19.69 13.06
CA ALA A 413 6.82 -20.53 12.86
C ALA A 413 6.08 -20.12 11.60
N LEU A 414 6.04 -18.81 11.31
CA LEU A 414 5.40 -18.39 10.06
C LEU A 414 6.22 -18.84 8.88
N MET A 415 7.54 -18.80 9.04
CA MET A 415 8.42 -19.23 7.95
C MET A 415 8.30 -20.72 7.72
N TYR A 416 8.24 -21.51 8.78
CA TYR A 416 7.93 -22.93 8.60
C TYR A 416 6.66 -23.10 7.80
N ASP A 417 5.67 -22.23 8.04
CA ASP A 417 4.37 -22.44 7.43
C ASP A 417 4.34 -22.08 5.95
N GLU A 418 5.12 -21.09 5.50
CA GLU A 418 5.21 -20.82 4.07
C GLU A 418 5.62 -22.07 3.31
N ARG A 419 6.44 -22.92 3.93
CA ARG A 419 6.70 -24.25 3.42
C ARG A 419 5.51 -25.12 3.78
N HIS A 420 4.84 -25.65 2.77
CA HIS A 420 3.67 -26.48 3.07
C HIS A 420 4.14 -27.90 3.42
N ALA A 421 5.02 -27.93 4.43
CA ALA A 421 5.55 -29.16 4.99
C ALA A 421 4.46 -29.86 5.78
N THR A 422 4.82 -31.01 6.33
CA THR A 422 3.89 -31.81 7.10
C THR A 422 4.58 -32.07 8.44
N PRO A 423 4.38 -31.19 9.42
CA PRO A 423 5.09 -31.35 10.69
C PRO A 423 4.74 -32.68 11.33
N ASN A 424 5.74 -33.29 11.96
CA ASN A 424 5.46 -34.42 12.80
C ASN A 424 4.88 -33.92 14.10
N PRO A 425 4.18 -34.77 14.86
CA PRO A 425 3.44 -34.29 16.04
C PRO A 425 4.27 -33.42 16.98
N ASP A 426 5.54 -33.76 17.21
CA ASP A 426 6.39 -32.87 18.00
C ASP A 426 6.40 -31.47 17.43
N THR A 427 6.65 -31.33 16.13
CA THR A 427 6.76 -29.99 15.55
C THR A 427 5.38 -29.33 15.45
N GLN A 428 4.36 -30.10 15.08
CA GLN A 428 2.99 -29.60 15.11
C GLN A 428 2.62 -29.09 16.50
N HIS A 429 3.02 -29.82 17.53
CA HIS A 429 2.67 -29.41 18.88
C HIS A 429 3.39 -28.13 19.28
N LYS A 430 4.64 -27.95 18.86
CA LYS A 430 5.32 -26.71 19.21
C LYS A 430 4.76 -25.53 18.44
N LEU A 431 4.35 -25.76 17.18
CA LEU A 431 3.69 -24.71 16.41
C LEU A 431 2.40 -24.28 17.06
N ASP A 432 1.73 -25.19 17.79
CA ASP A 432 0.51 -24.84 18.50
C ASP A 432 0.80 -23.83 19.59
N GLY A 433 1.70 -24.18 20.51
CA GLY A 433 2.02 -23.28 21.60
C GLY A 433 2.44 -21.92 21.08
N ILE A 434 3.16 -21.92 19.94
CA ILE A 434 3.58 -20.68 19.33
C ILE A 434 2.38 -19.93 18.76
N ASP A 435 1.46 -20.65 18.11
CA ASP A 435 0.28 -20.01 17.53
C ASP A 435 -0.59 -19.41 18.59
N ALA A 436 -0.62 -20.02 19.78
CA ALA A 436 -1.43 -19.54 20.88
C ALA A 436 -0.72 -18.50 21.73
N ALA A 437 0.61 -18.58 21.85
CA ALA A 437 1.35 -17.64 22.68
C ALA A 437 1.13 -16.20 22.26
N LYS A 438 1.01 -15.94 20.95
CA LYS A 438 0.96 -14.56 20.49
C LYS A 438 -0.25 -13.81 21.05
N TYR A 439 -1.28 -14.52 21.50
CA TYR A 439 -2.46 -13.83 21.99
C TYR A 439 -2.20 -13.13 23.32
N ALA A 440 -1.17 -13.58 24.04
CA ALA A 440 -0.84 -13.02 25.34
C ALA A 440 0.03 -11.77 25.26
N ARG A 441 0.85 -11.64 24.22
CA ARG A 441 1.60 -10.43 23.90
C ARG A 441 0.67 -9.37 23.30
N PRO A 442 1.09 -8.10 23.25
CA PRO A 442 0.23 -7.07 22.65
C PRO A 442 0.08 -7.28 21.15
N ALA A 443 -0.88 -6.56 20.58
CA ALA A 443 -1.28 -6.79 19.21
C ALA A 443 -2.16 -5.63 18.80
N ALA A 444 -2.59 -5.64 17.53
CA ALA A 444 -3.40 -4.56 16.97
C ALA A 444 -4.21 -5.08 15.78
N LEU A 445 -5.29 -4.36 15.46
CA LEU A 445 -6.13 -4.60 14.29
C LEU A 445 -6.11 -3.38 13.39
N THR A 446 -6.11 -3.59 12.08
CA THR A 446 -6.22 -2.49 11.13
C THR A 446 -7.54 -2.61 10.41
N ILE A 447 -8.29 -1.50 10.33
CA ILE A 447 -9.44 -1.39 9.44
C ILE A 447 -8.95 -0.73 8.16
N TYR A 448 -8.91 -1.51 7.09
CA TYR A 448 -8.35 -1.10 5.80
C TYR A 448 -9.51 -1.14 4.81
N CYS A 449 -9.98 0.04 4.40
CA CYS A 449 -11.15 0.11 3.53
C CYS A 449 -10.90 1.13 2.43
N ASP A 450 -11.84 1.24 1.50
CA ASP A 450 -11.65 2.05 0.30
C ASP A 450 -12.99 2.62 -0.15
N TYR A 451 -12.98 3.19 -1.36
CA TYR A 451 -14.07 3.92 -2.02
C TYR A 451 -15.27 4.13 -1.14
N LEU A 452 -16.23 3.22 -1.25
CA LEU A 452 -17.55 3.47 -0.69
C LEU A 452 -17.52 3.62 0.83
N ASN A 453 -16.57 3.00 1.50
CA ASN A 453 -16.63 3.01 2.95
C ASN A 453 -16.01 4.25 3.57
N ILE A 454 -15.37 5.12 2.78
CA ILE A 454 -14.54 6.17 3.37
C ILE A 454 -15.38 7.18 4.15
N ASN A 455 -16.41 7.72 3.52
CA ASN A 455 -17.17 8.81 4.11
C ASN A 455 -17.67 8.48 5.52
N PHE A 456 -18.16 7.26 5.71
CA PHE A 456 -18.59 6.81 7.03
C PHE A 456 -17.56 7.17 8.09
N TRP A 457 -16.29 6.85 7.84
CA TRP A 457 -15.26 7.06 8.85
C TRP A 457 -14.82 8.53 8.92
N SER A 458 -14.70 9.17 7.76
CA SER A 458 -14.48 10.61 7.61
C SER A 458 -15.22 11.41 8.66
N ALA A 459 -16.54 11.46 8.52
CA ALA A 459 -17.38 12.23 9.44
C ALA A 459 -17.21 11.76 10.87
N LEU A 460 -17.00 10.46 11.06
CA LEU A 460 -16.78 9.94 12.39
C LEU A 460 -15.51 10.52 12.99
N GLN A 461 -14.41 10.47 12.24
CA GLN A 461 -13.11 10.91 12.77
C GLN A 461 -13.04 12.41 13.00
N ASN A 462 -13.89 13.20 12.38
CA ASN A 462 -13.78 14.65 12.51
C ASN A 462 -14.75 15.25 13.50
N LYS A 463 -15.53 14.41 14.17
CA LYS A 463 -16.59 14.84 15.08
C LYS A 463 -16.22 14.41 16.49
N GLY A 464 -16.26 15.35 17.42
CA GLY A 464 -16.12 15.03 18.82
C GLY A 464 -14.68 14.79 19.26
N GLU A 465 -14.53 14.61 20.57
CA GLU A 465 -13.22 14.49 21.17
C GLU A 465 -12.46 13.30 20.62
N LEU A 466 -11.14 13.32 20.84
CA LEU A 466 -10.27 12.26 20.35
C LEU A 466 -10.01 11.26 21.45
N TYR A 467 -9.79 10.01 21.05
CA TYR A 467 -9.75 8.91 22.00
C TYR A 467 -8.38 8.83 22.68
N HIS A 468 -8.39 8.74 24.02
CA HIS A 468 -7.17 8.44 24.76
C HIS A 468 -7.48 7.53 25.93
N HIS A 469 -6.85 6.37 25.93
CA HIS A 469 -6.91 5.52 27.10
C HIS A 469 -6.37 6.29 28.29
N PRO A 470 -7.00 6.21 29.47
CA PRO A 470 -6.44 6.83 30.65
C PRO A 470 -5.09 6.22 31.00
N HIS A 471 -4.28 6.98 31.73
CA HIS A 471 -2.93 6.55 32.07
C HIS A 471 -2.18 6.09 30.83
N GLU A 472 -2.24 6.93 29.80
CA GLU A 472 -1.70 6.57 28.50
C GLU A 472 -0.17 6.62 28.46
N SER A 473 0.48 7.14 29.49
CA SER A 473 1.93 7.04 29.57
C SER A 473 2.40 5.86 30.40
N GLU A 474 1.53 5.34 31.27
CA GLU A 474 1.84 4.14 32.06
C GLU A 474 1.97 2.89 31.19
N LEU A 475 1.48 2.95 29.96
CA LEU A 475 1.94 2.08 28.89
C LEU A 475 2.03 2.90 27.62
N VAL A 476 3.14 2.72 26.89
CA VAL A 476 3.65 3.53 25.78
C VAL A 476 4.42 4.74 26.26
N GLU A 477 5.76 4.63 26.25
CA GLU A 477 6.67 5.71 26.64
C GLU A 477 6.67 6.84 25.62
N SER A 478 7.33 6.62 24.50
CA SER A 478 7.22 7.52 23.37
C SER A 478 6.02 7.15 22.53
N ILE A 479 5.28 8.15 22.06
CA ILE A 479 4.25 7.93 21.06
C ILE A 479 4.73 8.57 19.76
N PRO A 480 4.86 7.82 18.67
CA PRO A 480 5.47 8.35 17.45
C PRO A 480 4.81 9.63 16.97
N SER A 481 5.58 10.42 16.22
CA SER A 481 5.11 11.71 15.74
C SER A 481 3.95 11.55 14.75
N ASP A 482 3.98 10.53 13.91
CA ASP A 482 2.99 10.47 12.84
C ASP A 482 1.62 9.97 13.30
N ILE A 483 1.42 9.75 14.59
CA ILE A 483 0.21 9.11 15.08
C ILE A 483 -0.80 10.19 15.46
N PHE A 484 -1.84 10.34 14.62
CA PHE A 484 -3.02 11.08 15.06
C PHE A 484 -4.04 10.12 15.65
N PRO A 485 -4.52 10.34 16.88
CA PRO A 485 -5.47 9.39 17.49
C PRO A 485 -6.79 9.34 16.74
N ALA A 486 -7.40 8.16 16.78
CA ALA A 486 -8.78 8.03 16.32
C ALA A 486 -9.71 8.84 17.22
N SER A 487 -10.75 9.39 16.60
CA SER A 487 -11.75 10.11 17.36
C SER A 487 -12.51 9.14 18.25
N GLU A 488 -13.01 9.65 19.37
CA GLU A 488 -13.79 8.78 20.24
C GLU A 488 -14.98 8.19 19.52
N ALA A 489 -15.50 8.87 18.51
CA ALA A 489 -16.59 8.27 17.72
C ALA A 489 -16.08 7.10 16.90
N VAL A 490 -14.85 7.19 16.40
CA VAL A 490 -14.35 6.13 15.54
C VAL A 490 -14.14 4.85 16.33
N VAL A 491 -13.55 4.96 17.52
CA VAL A 491 -13.38 3.79 18.38
C VAL A 491 -14.74 3.17 18.73
N GLN A 492 -15.71 4.02 19.07
CA GLN A 492 -17.03 3.54 19.47
C GLN A 492 -17.62 2.60 18.43
N GLN A 493 -17.72 3.06 17.19
CA GLN A 493 -18.34 2.23 16.17
C GLN A 493 -17.43 1.10 15.73
N ALA A 494 -16.11 1.30 15.79
CA ALA A 494 -15.19 0.22 15.46
C ALA A 494 -15.31 -0.94 16.44
N THR A 495 -15.50 -0.63 17.73
CA THR A 495 -15.70 -1.64 18.76
C THR A 495 -16.99 -2.43 18.54
N GLN A 496 -18.07 -1.79 18.03
CA GLN A 496 -19.32 -2.53 17.82
C GLN A 496 -19.23 -3.45 16.61
N PHE A 497 -18.66 -2.98 15.50
CA PHE A 497 -18.46 -3.85 14.34
C PHE A 497 -17.55 -5.03 14.68
N PHE A 498 -16.52 -4.81 15.50
CA PHE A 498 -15.63 -5.92 15.84
C PHE A 498 -16.38 -7.04 16.53
N LYS A 499 -17.23 -6.69 17.50
CA LYS A 499 -18.09 -7.70 18.12
C LYS A 499 -18.89 -8.44 17.06
N ASP A 500 -19.51 -7.69 16.15
CA ASP A 500 -20.21 -8.30 15.02
C ASP A 500 -19.30 -9.26 14.27
N ILE A 501 -18.16 -8.78 13.80
CA ILE A 501 -17.30 -9.59 12.94
C ILE A 501 -16.80 -10.81 13.68
N PHE A 502 -16.20 -10.60 14.85
CA PHE A 502 -15.58 -11.72 15.54
C PHE A 502 -16.57 -12.52 16.36
N ASN A 503 -17.86 -12.18 16.29
CA ASN A 503 -18.91 -12.97 16.89
C ASN A 503 -18.66 -13.21 18.37
N THR A 504 -18.37 -12.12 19.10
CA THR A 504 -18.11 -12.20 20.51
C THR A 504 -18.67 -10.98 21.22
N HIS A 505 -19.12 -11.18 22.45
CA HIS A 505 -19.61 -10.07 23.27
C HIS A 505 -18.47 -9.17 23.72
N TYR A 506 -17.25 -9.67 23.68
CA TYR A 506 -16.14 -9.11 24.42
C TYR A 506 -15.15 -8.50 23.45
N VAL A 507 -15.17 -7.17 23.36
CA VAL A 507 -14.13 -6.41 22.68
C VAL A 507 -13.75 -5.25 23.57
N PRO A 508 -12.55 -5.25 24.14
CA PRO A 508 -12.15 -4.20 25.10
C PRO A 508 -11.73 -2.92 24.39
N GLN A 509 -11.35 -1.93 25.22
CA GLN A 509 -10.95 -0.60 24.75
C GLN A 509 -9.49 -0.61 24.30
N PRO A 510 -9.17 0.03 23.17
CA PRO A 510 -7.78 0.01 22.70
C PRO A 510 -6.86 0.72 23.68
N THR A 511 -5.62 0.24 23.75
CA THR A 511 -4.64 1.00 24.51
C THR A 511 -4.22 2.25 23.72
N LEU A 512 -4.06 2.12 22.41
CA LEU A 512 -3.62 3.20 21.57
C LEU A 512 -4.37 3.13 20.25
N THR A 513 -4.49 4.27 19.58
CA THR A 513 -5.25 4.38 18.35
C THR A 513 -4.54 5.32 17.40
N SER A 514 -4.66 5.01 16.11
CA SER A 514 -4.23 5.90 15.04
C SER A 514 -5.23 5.80 13.91
N ALA A 515 -5.48 6.95 13.29
CA ALA A 515 -6.32 7.06 12.13
C ALA A 515 -5.54 7.80 11.04
N ARG A 516 -5.75 7.40 9.79
CA ARG A 516 -5.06 8.06 8.68
C ARG A 516 -5.88 7.84 7.41
N ILE A 517 -6.44 8.92 6.88
CA ILE A 517 -7.36 8.86 5.75
C ILE A 517 -6.62 9.40 4.54
N TRP A 518 -6.18 8.49 3.65
CA TRP A 518 -5.46 8.84 2.43
C TRP A 518 -6.43 9.33 1.37
N GLU A 519 -6.75 10.60 1.46
CA GLU A 519 -7.78 11.24 0.65
C GLU A 519 -7.32 12.68 0.52
N GLY A 520 -6.96 13.10 -0.70
CA GLY A 520 -6.34 14.40 -0.87
C GLY A 520 -7.26 15.52 -0.42
N ASN A 521 -6.65 16.61 0.01
CA ASN A 521 -7.39 17.74 0.57
C ASN A 521 -7.09 19.02 -0.19
N VAL A 522 -8.12 19.86 -0.37
CA VAL A 522 -8.01 21.14 -1.05
C VAL A 522 -8.37 22.30 -0.13
N ASN A 523 -8.43 22.06 1.17
CA ASN A 523 -8.79 23.10 2.14
C ASN A 523 -7.54 23.63 2.82
N PHE A 524 -7.41 24.95 2.87
CA PHE A 524 -6.29 25.56 3.57
C PHE A 524 -6.43 25.48 5.09
N ASN A 525 -7.66 25.38 5.61
CA ASN A 525 -7.89 25.31 7.05
C ASN A 525 -7.52 23.94 7.67
N VAL A 526 -6.67 23.15 7.04
CA VAL A 526 -6.26 21.83 7.53
C VAL A 526 -4.80 21.91 7.92
N PRO A 527 -4.41 21.45 9.11
CA PRO A 527 -2.99 21.48 9.49
C PRO A 527 -2.17 20.62 8.54
N GLU A 528 -0.85 20.84 8.57
CA GLU A 528 0.03 20.03 7.73
C GLU A 528 -0.02 18.56 8.14
N ASN A 529 0.05 18.30 9.44
CA ASN A 529 0.10 16.95 9.99
C ASN A 529 -1.18 16.15 9.73
N LEU A 530 -2.16 16.78 9.07
CA LEU A 530 -3.38 16.10 8.69
C LEU A 530 -3.61 16.13 7.18
N GLN A 531 -2.69 16.67 6.39
CA GLN A 531 -2.85 16.73 4.94
C GLN A 531 -2.18 15.52 4.29
N PHE A 532 -2.97 14.66 3.64
CA PHE A 532 -2.44 13.42 3.07
C PHE A 532 -3.05 13.21 1.68
N GLY A 533 -2.24 12.72 0.74
CA GLY A 533 -2.70 12.55 -0.63
C GLY A 533 -3.57 11.31 -0.82
N PHE A 534 -4.05 11.14 -2.05
CA PHE A 534 -4.93 10.00 -2.35
C PHE A 534 -4.16 8.68 -2.26
N GLY A 535 -4.74 7.71 -1.55
CA GLY A 535 -3.97 6.56 -1.13
C GLY A 535 -3.36 5.78 -2.28
N VAL A 536 -4.10 5.65 -3.37
CA VAL A 536 -3.74 4.86 -4.54
C VAL A 536 -4.37 5.54 -5.74
N HIS A 537 -3.94 5.16 -6.95
CA HIS A 537 -4.61 5.62 -8.15
C HIS A 537 -4.84 4.43 -9.07
N GLN A 538 -5.72 4.63 -10.03
CA GLN A 538 -5.94 3.58 -11.00
C GLN A 538 -6.46 4.20 -12.28
N TRP A 539 -6.05 3.61 -13.38
CA TRP A 539 -6.32 4.18 -14.69
C TRP A 539 -7.81 4.33 -14.93
N ALA A 540 -8.19 5.53 -15.38
CA ALA A 540 -9.58 5.85 -15.65
C ALA A 540 -10.05 5.22 -16.96
N ILE A 541 -11.35 5.36 -17.23
CA ILE A 541 -11.91 4.87 -18.46
C ILE A 541 -11.39 5.70 -19.63
N GLY A 542 -11.24 5.06 -20.79
CA GLY A 542 -10.83 5.80 -21.97
C GLY A 542 -9.38 6.23 -22.01
N ALA A 543 -8.58 5.82 -21.01
CA ALA A 543 -7.21 6.30 -20.81
C ALA A 543 -6.24 5.31 -21.45
N ASN A 544 -5.67 5.68 -22.59
CA ASN A 544 -4.58 4.91 -23.17
C ASN A 544 -3.33 5.20 -22.36
N ASP A 545 -3.02 4.32 -21.41
CA ASP A 545 -1.96 4.68 -20.48
C ASP A 545 -0.56 4.51 -21.06
N LYS A 546 -0.42 3.85 -22.22
CA LYS A 546 0.88 3.86 -22.87
C LYS A 546 1.27 5.27 -23.30
N GLU A 547 0.30 6.03 -23.83
CA GLU A 547 0.57 7.41 -24.22
C GLU A 547 0.72 8.31 -23.00
N VAL A 548 -0.13 8.11 -22.00
CA VAL A 548 -0.13 8.98 -20.82
C VAL A 548 1.19 8.85 -20.09
N ILE A 549 1.63 7.62 -19.86
CA ILE A 549 2.86 7.39 -19.13
C ILE A 549 4.03 8.09 -19.85
N GLU A 550 4.17 7.85 -21.16
CA GLU A 550 5.34 8.36 -21.87
C GLU A 550 5.30 9.88 -22.03
N ASP A 551 4.10 10.47 -22.15
CA ASP A 551 3.97 11.92 -22.22
C ASP A 551 4.25 12.63 -20.90
N LEU A 552 4.37 11.91 -19.80
CA LEU A 552 4.51 12.51 -18.48
C LEU A 552 5.88 12.27 -17.88
N VAL A 553 6.79 11.67 -18.66
CA VAL A 553 8.18 11.56 -18.24
C VAL A 553 8.85 12.93 -18.24
N GLU A 554 8.89 13.58 -19.41
CA GLU A 554 9.54 14.88 -19.58
C GLU A 554 8.56 15.80 -20.30
N PRO A 555 7.54 16.28 -19.59
CA PRO A 555 6.44 17.00 -20.26
C PRO A 555 6.82 18.42 -20.66
N LEU A 556 7.65 19.05 -19.89
CA LEU A 556 8.42 20.22 -20.25
C LEU A 556 9.87 19.81 -20.46
N PRO A 557 10.70 20.62 -21.09
CA PRO A 557 12.12 20.28 -21.18
C PRO A 557 12.77 20.32 -19.80
N ASN A 558 13.49 19.24 -19.46
CA ASN A 558 14.25 19.10 -18.22
C ASN A 558 13.38 19.17 -16.96
N LEU A 559 12.06 19.11 -17.11
CA LEU A 559 11.16 18.96 -15.97
C LEU A 559 10.45 17.62 -16.10
N PHE A 560 10.56 16.78 -15.06
CA PHE A 560 10.15 15.38 -15.11
C PHE A 560 9.10 15.05 -14.06
N THR A 561 8.28 14.04 -14.37
CA THR A 561 7.30 13.51 -13.45
C THR A 561 7.48 12.02 -13.30
N CYS A 562 7.37 11.55 -12.06
CA CYS A 562 7.44 10.12 -11.81
C CYS A 562 6.77 9.83 -10.48
N GLY A 563 6.34 8.58 -10.32
CA GLY A 563 5.65 8.16 -9.11
C GLY A 563 4.64 7.08 -9.44
N GLU A 564 3.92 6.67 -8.41
CA GLU A 564 2.97 5.58 -8.57
C GLU A 564 1.77 6.00 -9.41
N ALA A 565 1.34 7.24 -9.26
CA ALA A 565 -0.02 7.60 -9.69
C ALA A 565 -0.23 7.39 -11.18
N TYR A 566 0.81 7.46 -11.99
CA TYR A 566 0.67 7.17 -13.42
C TYR A 566 1.61 6.05 -13.86
N SER A 567 1.73 5.00 -13.07
CA SER A 567 2.65 3.91 -13.38
C SER A 567 1.95 2.75 -14.11
N ASP A 568 2.77 1.77 -14.50
CA ASP A 568 2.40 0.44 -15.00
C ASP A 568 1.82 -0.45 -13.92
N TYR A 569 2.00 -0.08 -12.66
CA TYR A 569 1.83 -0.96 -11.51
C TYR A 569 1.25 -0.10 -10.39
N GLN A 570 0.06 0.43 -10.65
CA GLN A 570 -0.59 1.29 -9.67
C GLN A 570 -0.92 0.52 -8.39
N GLY A 571 -0.68 1.18 -7.25
CA GLY A 571 -1.04 0.66 -5.95
C GLY A 571 0.10 0.05 -5.17
N TRP A 572 1.30 0.02 -5.75
CA TRP A 572 2.43 -0.72 -5.22
C TRP A 572 3.69 0.13 -5.36
N VAL A 573 4.69 -0.17 -4.54
CA VAL A 573 5.91 0.61 -4.64
C VAL A 573 6.63 0.32 -5.94
N GLU A 574 6.52 -0.90 -6.45
CA GLU A 574 7.10 -1.19 -7.75
C GLU A 574 6.60 -0.23 -8.81
N GLY A 575 5.37 0.27 -8.64
CA GLY A 575 4.86 1.24 -9.58
C GLY A 575 5.66 2.52 -9.56
N ALA A 576 5.96 3.00 -8.36
CA ALA A 576 6.76 4.21 -8.20
C ALA A 576 8.16 4.05 -8.81
N LEU A 577 8.80 2.90 -8.58
CA LEU A 577 10.18 2.72 -9.03
C LEU A 577 10.25 2.57 -10.54
N ARG A 578 9.25 1.95 -11.16
CA ARG A 578 9.26 1.81 -12.62
C ARG A 578 8.99 3.14 -13.30
N SER A 579 8.11 3.95 -12.71
CA SER A 579 7.79 5.25 -13.28
C SER A 579 8.96 6.21 -13.13
N THR A 580 9.60 6.20 -11.95
CA THR A 580 10.85 6.93 -11.78
C THR A 580 11.93 6.44 -12.74
N ASP A 581 12.03 5.12 -12.91
CA ASP A 581 13.04 4.55 -13.78
C ASP A 581 13.00 5.13 -15.19
N LEU A 582 11.81 5.47 -15.69
CA LEU A 582 11.69 6.11 -17.00
C LEU A 582 12.27 7.51 -16.99
N VAL A 583 12.15 8.19 -15.85
CA VAL A 583 12.72 9.53 -15.69
C VAL A 583 14.24 9.45 -15.66
N LEU A 584 14.78 8.49 -14.89
CA LEU A 584 16.22 8.30 -14.82
C LEU A 584 16.78 7.82 -16.14
N GLN A 585 15.96 7.17 -16.94
CA GLN A 585 16.35 6.77 -18.28
C GLN A 585 16.42 7.99 -19.20
N LYS A 586 15.30 8.67 -19.40
CA LYS A 586 15.21 9.69 -20.44
C LYS A 586 16.07 10.91 -20.11
N GLY A 587 16.19 11.25 -18.82
CA GLY A 587 16.89 12.47 -18.45
C GLY A 587 18.32 12.29 -18.02
N PHE A 588 18.75 11.05 -17.83
CA PHE A 588 20.04 10.82 -17.17
C PHE A 588 20.75 9.57 -17.70
N GLY A 589 20.09 8.80 -18.55
CA GLY A 589 20.73 7.66 -19.20
C GLY A 589 20.85 6.37 -18.41
N LEU A 590 20.29 6.29 -17.19
CA LEU A 590 20.32 5.05 -16.40
C LEU A 590 19.27 4.06 -16.88
N ALA A 591 19.70 2.82 -17.10
CA ALA A 591 18.79 1.74 -17.46
C ALA A 591 18.02 1.24 -16.23
N PRO A 592 16.98 0.43 -16.42
CA PRO A 592 16.20 -0.03 -15.27
C PRO A 592 17.05 -0.74 -14.23
N LEU A 593 16.82 -0.39 -12.96
CA LEU A 593 17.57 -0.98 -11.85
C LEU A 593 17.62 -2.49 -11.94
N SER A 594 16.48 -3.12 -12.28
CA SER A 594 16.45 -4.58 -12.42
C SER A 594 17.39 -5.04 -13.53
N GLU A 595 17.45 -4.30 -14.63
CA GLU A 595 18.42 -4.62 -15.68
C GLU A 595 19.84 -4.33 -15.21
N VAL A 596 20.02 -3.22 -14.50
CA VAL A 596 21.30 -2.92 -13.88
C VAL A 596 21.71 -4.03 -12.93
N TYR A 597 20.77 -4.48 -12.10
CA TYR A 597 21.08 -5.54 -11.15
C TYR A 597 21.59 -6.77 -11.86
N GLU A 598 20.89 -7.19 -12.91
CA GLU A 598 21.24 -8.42 -13.60
C GLU A 598 22.64 -8.35 -14.18
N GLN A 599 22.95 -7.24 -14.86
CA GLN A 599 24.28 -7.09 -15.45
C GLN A 599 25.37 -7.18 -14.39
N ASP A 600 25.18 -6.55 -13.23
CA ASP A 600 26.21 -6.58 -12.20
C ASP A 600 26.28 -7.92 -11.47
N GLN A 601 25.25 -8.74 -11.54
CA GLN A 601 25.19 -9.88 -10.66
C GLN A 601 25.11 -11.22 -11.39
N GLY A 602 24.81 -11.23 -12.67
CA GLY A 602 24.77 -12.48 -13.40
C GLY A 602 23.50 -13.25 -13.24
N ARG A 603 22.47 -12.63 -12.68
CA ARG A 603 21.18 -13.26 -12.44
C ARG A 603 20.20 -12.17 -12.06
N SER A 604 18.93 -12.53 -11.93
CA SER A 604 17.88 -11.56 -11.68
C SER A 604 17.84 -11.16 -10.21
N SER A 605 17.04 -10.12 -9.91
CA SER A 605 16.72 -9.83 -8.53
C SER A 605 15.69 -10.81 -7.98
N SER A 606 14.77 -11.29 -8.82
CA SER A 606 13.86 -12.35 -8.39
C SER A 606 14.63 -13.57 -7.91
N GLU A 607 15.59 -14.06 -8.71
CA GLU A 607 16.32 -15.25 -8.29
C GLU A 607 17.12 -14.97 -7.03
N ALA A 608 17.85 -13.87 -7.01
CA ALA A 608 18.72 -13.55 -5.88
C ALA A 608 17.93 -13.39 -4.59
N ILE A 609 16.73 -12.80 -4.66
CA ILE A 609 15.97 -12.59 -3.44
C ILE A 609 15.41 -13.91 -2.91
N GLN A 610 15.03 -14.82 -3.79
CA GLN A 610 14.48 -16.08 -3.31
C GLN A 610 15.54 -16.91 -2.61
N ILE A 611 16.73 -17.01 -3.23
CA ILE A 611 17.82 -17.78 -2.65
C ILE A 611 18.23 -17.21 -1.31
N ALA A 612 18.23 -15.89 -1.19
CA ALA A 612 18.63 -15.27 0.06
C ALA A 612 17.60 -15.54 1.15
N TYR A 613 16.32 -15.37 0.83
CA TYR A 613 15.27 -15.61 1.81
C TYR A 613 15.22 -17.08 2.21
N ARG A 614 15.38 -17.97 1.23
CA ARG A 614 15.37 -19.39 1.56
C ARG A 614 16.39 -19.70 2.64
N LYS A 615 17.59 -19.12 2.53
CA LYS A 615 18.64 -19.41 3.51
C LYS A 615 18.27 -18.92 4.90
N ILE A 616 17.80 -17.67 4.99
CA ILE A 616 17.42 -17.13 6.29
C ILE A 616 16.21 -17.87 6.85
N SER A 617 15.24 -18.21 6.01
CA SER A 617 14.11 -18.99 6.48
C SER A 617 14.59 -20.37 6.93
N ASN A 618 15.37 -21.05 6.08
CA ASN A 618 16.02 -22.30 6.44
C ASN A 618 16.69 -22.23 7.81
N LYS A 619 17.41 -21.15 8.09
CA LYS A 619 18.07 -21.04 9.39
C LYS A 619 17.06 -20.90 10.50
N MET A 620 16.32 -19.79 10.48
CA MET A 620 15.25 -19.46 11.42
C MET A 620 14.43 -20.68 11.84
N ILE A 621 14.15 -21.56 10.88
CA ILE A 621 13.35 -22.75 11.17
C ILE A 621 14.13 -23.74 12.05
N MET A 622 15.33 -24.15 11.61
CA MET A 622 16.15 -25.05 12.41
C MET A 622 16.44 -24.45 13.78
N GLU A 623 16.46 -23.13 13.87
CA GLU A 623 16.77 -22.50 15.15
C GLU A 623 15.60 -22.62 16.13
N TYR A 624 14.38 -22.38 15.66
CA TYR A 624 13.22 -22.25 16.53
C TYR A 624 12.21 -23.37 16.37
N ILE A 625 11.99 -23.81 15.14
CA ILE A 625 10.96 -24.79 14.85
C ILE A 625 11.56 -26.16 14.97
N ASP A 626 11.92 -26.77 13.83
CA ASP A 626 12.37 -28.16 13.75
C ASP A 626 13.88 -28.20 13.55
N PRO A 627 14.69 -28.30 14.63
CA PRO A 627 16.14 -28.37 14.48
C PRO A 627 16.63 -29.45 13.53
N ASN A 628 15.75 -30.34 13.08
CA ASN A 628 16.09 -31.34 12.08
C ASN A 628 15.44 -31.06 10.72
N PHE A 629 15.25 -29.80 10.35
CA PHE A 629 14.55 -29.55 9.10
C PHE A 629 15.47 -29.81 7.91
N SER A 630 14.89 -30.44 6.88
CA SER A 630 15.50 -30.55 5.58
C SER A 630 14.54 -29.93 4.57
N PRO A 631 14.99 -28.96 3.77
CA PRO A 631 14.23 -28.19 2.76
C PRO A 631 13.29 -29.03 1.87
#